data_6T09
#
_entry.id   6T09
#
_cell.length_a   39.668
_cell.length_b   103.261
_cell.length_c   42.138
_cell.angle_alpha   90.000
_cell.angle_beta   105.561
_cell.angle_gamma   90.000
#
_symmetry.space_group_name_H-M   'P 1 21 1'
#
loop_
_entity.id
_entity.type
_entity.pdbx_description
1 polymer YTHDC1
2 non-polymer ~{N}-pyridin-3-ylethanamide
3 non-polymer 'SULFATE ION'
4 water water
#
_entity_poly.entity_id   1
_entity_poly.type   'polypeptide(L)'
_entity_poly.pdbx_seq_one_letter_code
;MHHHHHHSSGRENLYFQGTSKLKYVLQDARFFLIKSNNHENVSLAKAKGVWSTLPVNEKKLNLAFRSARSVILIFSVRES
GKFQGFARLSSESHHGGSPIHWVLPAGMSAKMLGGVFKIDWICRRELPFTKSAHLTNPWNEHKPVKIGRDGQEIELECGT
QLCLLFPPDESIDLYQVIHKMRH
;
_entity_poly.pdbx_strand_id   A,B
#
loop_
_chem_comp.id
_chem_comp.type
_chem_comp.name
_chem_comp.formula
M4T non-polymer ~{N}-pyridin-3-ylethanamide 'C7 H8 N2 O'
SO4 non-polymer 'SULFATE ION' 'O4 S -2'
#
# COMPACT_ATOMS: atom_id res chain seq x y z
N GLY A 18 13.14 0.69 22.92
CA GLY A 18 12.66 -0.56 22.37
C GLY A 18 11.25 -0.49 21.83
N THR A 19 10.80 -1.57 21.20
CA THR A 19 9.49 -1.62 20.56
C THR A 19 8.58 -2.69 21.12
N SER A 20 9.01 -3.38 22.19
CA SER A 20 8.25 -4.52 22.71
C SER A 20 6.95 -4.07 23.37
N LYS A 21 7.00 -3.05 24.23
CA LYS A 21 5.75 -2.56 24.82
C LYS A 21 4.83 -2.03 23.75
N LEU A 22 5.38 -1.34 22.75
CA LEU A 22 4.57 -0.82 21.66
C LEU A 22 3.85 -1.96 20.94
N LYS A 23 4.58 -3.03 20.59
CA LYS A 23 3.94 -4.19 19.98
C LYS A 23 2.87 -4.79 20.89
N TYR A 24 3.12 -4.82 22.20
CA TYR A 24 2.10 -5.33 23.12
C TYR A 24 0.83 -4.47 23.07
N VAL A 25 0.99 -3.14 23.01
CA VAL A 25 -0.19 -2.28 22.97
C VAL A 25 -0.97 -2.48 21.68
N LEU A 26 -0.27 -2.74 20.58
CA LEU A 26 -0.87 -2.87 19.26
C LEU A 26 -1.43 -4.26 18.99
N GLN A 27 -1.13 -5.25 19.83
CA GLN A 27 -1.61 -6.61 19.59
C GLN A 27 -3.13 -6.63 19.55
N ASP A 28 -3.66 -7.16 18.44
CA ASP A 28 -5.10 -7.31 18.26
C ASP A 28 -5.84 -5.97 18.36
N ALA A 29 -5.15 -4.88 18.04
CA ALA A 29 -5.77 -3.56 18.02
C ALA A 29 -6.58 -3.35 16.74
N ARG A 30 -7.44 -2.34 16.77
CA ARG A 30 -8.05 -1.78 15.58
C ARG A 30 -7.47 -0.40 15.32
N PHE A 31 -7.43 -0.02 14.04
CA PHE A 31 -6.76 1.19 13.60
C PHE A 31 -7.70 2.01 12.73
N PHE A 32 -7.70 3.33 12.95
CA PHE A 32 -8.54 4.24 12.17
C PHE A 32 -7.74 5.46 11.71
N LEU A 33 -7.83 5.74 10.42
CA LEU A 33 -7.22 6.94 9.84
C LEU A 33 -8.03 8.17 10.21
N ILE A 34 -7.37 9.17 10.79
CA ILE A 34 -8.00 10.43 11.17
C ILE A 34 -7.39 11.52 10.31
N LYS A 35 -8.22 12.23 9.55
CA LYS A 35 -7.76 13.27 8.65
C LYS A 35 -8.22 14.63 9.19
N SER A 36 -7.27 15.51 9.50
CA SER A 36 -7.58 16.82 10.03
C SER A 36 -7.31 17.86 8.95
N ASN A 37 -8.17 18.88 8.85
CA ASN A 37 -7.97 19.89 7.82
C ASN A 37 -6.88 20.91 8.21
N ASN A 38 -6.46 20.94 9.47
CA ASN A 38 -5.48 21.93 9.90
C ASN A 38 -4.61 21.35 11.00
N HIS A 39 -3.41 21.93 11.16
CA HIS A 39 -2.49 21.53 12.21
C HIS A 39 -2.99 21.93 13.60
N GLU A 40 -3.78 23.00 13.70
CA GLU A 40 -4.21 23.48 15.01
C GLU A 40 -5.01 22.43 15.75
N ASN A 41 -5.86 21.68 15.04
CA ASN A 41 -6.68 20.68 15.73
C ASN A 41 -5.82 19.52 16.24
N VAL A 42 -4.80 19.13 15.50
CA VAL A 42 -3.93 18.06 15.98
C VAL A 42 -3.08 18.54 17.16
N SER A 43 -2.61 19.79 17.10
CA SER A 43 -1.86 20.34 18.23
CA SER A 43 -1.86 20.34 18.23
C SER A 43 -2.71 20.36 19.50
N LEU A 44 -3.95 20.82 19.38
CA LEU A 44 -4.90 20.79 20.49
C LEU A 44 -5.09 19.38 21.02
N ALA A 45 -5.22 18.39 20.11
CA ALA A 45 -5.40 17.01 20.53
C ALA A 45 -4.16 16.49 21.26
N LYS A 46 -2.99 16.92 20.80
CA LYS A 46 -1.73 16.50 21.43
C LYS A 46 -1.59 17.08 22.82
N ALA A 47 -2.06 18.32 23.00
CA ALA A 47 -1.90 19.02 24.27
C ALA A 47 -2.91 18.55 25.31
N LYS A 48 -4.15 18.28 24.88
CA LYS A 48 -5.27 18.04 25.77
C LYS A 48 -5.69 16.58 25.83
N GLY A 49 -5.15 15.73 24.96
CA GLY A 49 -5.49 14.33 25.01
C GLY A 49 -6.95 14.04 24.71
N VAL A 50 -7.51 14.68 23.68
CA VAL A 50 -8.90 14.56 23.30
C VAL A 50 -9.04 14.58 21.79
N TRP A 51 -10.09 13.95 21.29
CA TRP A 51 -10.47 14.08 19.89
C TRP A 51 -11.99 14.11 19.79
N SER A 52 -12.47 14.79 18.76
CA SER A 52 -13.90 14.85 18.46
C SER A 52 -14.08 14.73 16.96
N THR A 53 -15.14 14.05 16.55
CA THR A 53 -15.36 13.76 15.13
C THR A 53 -16.86 13.80 14.82
N LEU A 54 -17.16 13.70 13.53
CA LEU A 54 -18.56 13.73 13.11
C LEU A 54 -19.29 12.48 13.62
N PRO A 55 -20.60 12.58 13.84
CA PRO A 55 -21.32 11.44 14.43
C PRO A 55 -21.18 10.13 13.66
N VAL A 56 -21.09 10.15 12.33
CA VAL A 56 -20.92 8.89 11.59
C VAL A 56 -19.65 8.17 12.06
N ASN A 57 -18.59 8.92 12.35
CA ASN A 57 -17.35 8.32 12.83
C ASN A 57 -17.38 8.07 14.33
N GLU A 58 -18.02 8.97 15.08
CA GLU A 58 -18.16 8.77 16.52
C GLU A 58 -18.84 7.45 16.83
N LYS A 59 -19.91 7.14 16.12
CA LYS A 59 -20.57 5.85 16.29
C LYS A 59 -19.63 4.70 15.97
N LYS A 60 -18.87 4.82 14.87
CA LYS A 60 -17.93 3.74 14.53
C LYS A 60 -16.86 3.58 15.61
N LEU A 61 -16.36 4.69 16.15
CA LEU A 61 -15.30 4.60 17.14
C LEU A 61 -15.82 4.04 18.46
N ASN A 62 -17.04 4.41 18.84
CA ASN A 62 -17.60 3.88 20.08
C ASN A 62 -17.80 2.37 19.99
N LEU A 63 -18.29 1.89 18.85
CA LEU A 63 -18.41 0.44 18.64
C LEU A 63 -17.04 -0.23 18.73
N ALA A 64 -16.04 0.34 18.05
CA ALA A 64 -14.72 -0.25 18.07
C ALA A 64 -14.12 -0.26 19.47
N PHE A 65 -14.37 0.79 20.26
CA PHE A 65 -13.79 0.86 21.60
C PHE A 65 -14.25 -0.31 22.46
N ARG A 66 -15.53 -0.71 22.34
CA ARG A 66 -16.06 -1.81 23.12
C ARG A 66 -15.59 -3.17 22.60
N SER A 67 -15.10 -3.25 21.37
CA SER A 67 -14.87 -4.51 20.68
C SER A 67 -13.41 -4.97 20.69
N ALA A 68 -12.47 -4.11 21.07
CA ALA A 68 -11.07 -4.45 20.90
C ALA A 68 -10.27 -3.93 22.09
N ARG A 69 -9.13 -4.58 22.36
CA ARG A 69 -8.31 -4.21 23.52
C ARG A 69 -7.69 -2.83 23.37
N SER A 70 -7.43 -2.41 22.14
CA SER A 70 -6.86 -1.09 21.82
C SER A 70 -7.48 -0.61 20.52
N VAL A 71 -7.93 0.64 20.50
CA VAL A 71 -8.33 1.32 19.26
C VAL A 71 -7.33 2.46 19.04
N ILE A 72 -6.64 2.43 17.90
CA ILE A 72 -5.55 3.35 17.58
C ILE A 72 -6.04 4.35 16.53
N LEU A 73 -5.90 5.64 16.82
CA LEU A 73 -6.13 6.69 15.83
C LEU A 73 -4.81 7.17 15.25
N ILE A 74 -4.69 7.16 13.92
CA ILE A 74 -3.47 7.61 13.25
C ILE A 74 -3.82 8.89 12.51
N PHE A 75 -3.15 10.00 12.89
CA PHE A 75 -3.55 11.33 12.46
C PHE A 75 -2.77 11.80 11.24
N SER A 76 -3.46 12.46 10.30
CA SER A 76 -2.78 13.10 9.18
C SER A 76 -3.45 14.43 8.87
N VAL A 77 -2.67 15.50 8.82
CA VAL A 77 -3.18 16.81 8.42
C VAL A 77 -3.22 16.86 6.91
N ARG A 78 -4.37 17.24 6.35
CA ARG A 78 -4.51 17.22 4.91
C ARG A 78 -3.53 18.19 4.27
N GLU A 79 -3.01 17.79 3.11
CA GLU A 79 -1.98 18.48 2.32
C GLU A 79 -0.62 18.51 2.99
N SER A 80 -0.45 17.93 4.18
CA SER A 80 0.85 18.01 4.82
C SER A 80 1.83 16.98 4.28
N GLY A 81 1.33 15.92 3.64
CA GLY A 81 2.19 14.86 3.16
C GLY A 81 2.75 13.96 4.23
N LYS A 82 2.21 14.02 5.45
CA LYS A 82 2.74 13.25 6.56
C LYS A 82 1.62 12.82 7.50
N PHE A 83 1.91 11.81 8.32
CA PHE A 83 1.16 11.56 9.55
C PHE A 83 1.81 12.30 10.69
N GLN A 84 1.00 12.76 11.65
CA GLN A 84 1.55 13.54 12.76
C GLN A 84 1.64 12.78 14.07
N GLY A 85 1.39 11.47 14.06
CA GLY A 85 1.47 10.67 15.25
C GLY A 85 0.27 9.76 15.39
N PHE A 86 0.22 9.02 16.51
CA PHE A 86 -0.94 8.16 16.73
C PHE A 86 -1.19 8.00 18.23
N ALA A 87 -2.45 7.71 18.55
CA ALA A 87 -2.92 7.68 19.94
C ALA A 87 -3.93 6.56 20.13
N ARG A 88 -4.12 6.18 21.39
CA ARG A 88 -5.03 5.09 21.77
C ARG A 88 -6.26 5.69 22.45
N LEU A 89 -7.45 5.29 21.99
CA LEU A 89 -8.68 5.67 22.68
C LEU A 89 -8.63 5.15 24.12
N SER A 90 -8.89 6.03 25.08
CA SER A 90 -9.01 5.60 26.47
C SER A 90 -10.45 5.67 26.99
N SER A 91 -11.37 6.21 26.20
CA SER A 91 -12.76 6.32 26.60
C SER A 91 -13.65 6.31 25.37
N GLU A 92 -14.91 5.93 25.57
CA GLU A 92 -15.97 6.25 24.62
C GLU A 92 -16.17 7.76 24.59
N SER A 93 -16.92 8.24 23.60
CA SER A 93 -17.18 9.66 23.53
C SER A 93 -18.17 10.09 24.63
N HIS A 94 -17.97 11.30 25.12
CA HIS A 94 -18.83 11.86 26.16
C HIS A 94 -19.06 13.33 25.84
N HIS A 95 -20.22 13.82 26.27
CA HIS A 95 -20.63 15.20 26.07
C HIS A 95 -20.56 15.97 27.39
N GLY A 96 -20.62 17.29 27.29
CA GLY A 96 -20.71 18.14 28.47
C GLY A 96 -19.41 18.49 29.15
N GLY A 97 -18.27 18.34 28.48
CA GLY A 97 -16.99 18.76 29.04
C GLY A 97 -16.72 20.24 28.79
N SER A 98 -15.53 20.66 29.15
CA SER A 98 -15.11 22.03 28.84
C SER A 98 -14.96 22.17 27.33
N PRO A 99 -15.57 23.18 26.70
CA PRO A 99 -15.56 23.25 25.23
C PRO A 99 -14.15 23.36 24.67
N ILE A 100 -13.84 22.51 23.71
CA ILE A 100 -12.56 22.53 23.02
C ILE A 100 -12.68 23.49 21.85
N HIS A 101 -11.74 24.43 21.74
CA HIS A 101 -11.81 25.47 20.71
C HIS A 101 -11.23 24.98 19.39
N TRP A 102 -11.80 23.88 18.89
CA TRP A 102 -11.44 23.38 17.58
C TRP A 102 -11.58 24.48 16.52
N VAL A 103 -10.71 24.42 15.52
CA VAL A 103 -10.83 25.26 14.33
C VAL A 103 -11.48 24.41 13.25
N LEU A 104 -12.74 24.70 12.92
CA LEU A 104 -13.44 23.69 12.15
C LEU A 104 -13.48 24.04 10.65
N PRO A 105 -13.55 23.03 9.75
CA PRO A 105 -13.12 23.05 8.35
C PRO A 105 -12.33 24.27 7.88
N SER A 109 -19.74 24.48 12.23
CA SER A 109 -20.35 24.78 13.52
C SER A 109 -20.02 23.69 14.55
N ALA A 110 -19.80 24.11 15.80
CA ALA A 110 -19.34 23.19 16.84
C ALA A 110 -20.42 22.23 17.31
N LYS A 111 -21.69 22.56 17.11
CA LYS A 111 -22.76 21.62 17.46
C LYS A 111 -22.70 20.37 16.59
N MET A 112 -22.21 20.49 15.35
CA MET A 112 -22.20 19.36 14.42
C MET A 112 -21.23 18.26 14.84
N LEU A 113 -20.29 18.55 15.73
CA LEU A 113 -19.42 17.51 16.24
C LEU A 113 -20.17 16.61 17.22
N GLY A 114 -19.67 15.38 17.37
CA GLY A 114 -20.19 14.47 18.38
C GLY A 114 -19.59 14.76 19.73
N GLY A 115 -19.53 13.74 20.58
CA GLY A 115 -18.89 13.84 21.87
C GLY A 115 -17.37 13.91 21.75
N VAL A 116 -16.73 13.91 22.90
CA VAL A 116 -15.27 14.00 23.00
C VAL A 116 -14.75 12.64 23.44
N PHE A 117 -13.71 12.16 22.75
CA PHE A 117 -12.97 10.98 23.15
C PHE A 117 -11.72 11.40 23.90
N LYS A 118 -11.45 10.75 25.04
CA LYS A 118 -10.15 10.90 25.66
C LYS A 118 -9.17 9.96 24.95
N ILE A 119 -7.95 10.44 24.70
CA ILE A 119 -6.94 9.64 24.03
C ILE A 119 -5.62 9.75 24.78
N ASP A 120 -4.82 8.70 24.67
CA ASP A 120 -3.45 8.65 25.20
C ASP A 120 -2.50 8.54 24.02
N TRP A 121 -1.62 9.52 23.91
CA TRP A 121 -0.72 9.54 22.78
C TRP A 121 0.30 8.43 22.92
N ILE A 122 0.58 7.76 21.80
CA ILE A 122 1.61 6.75 21.76
C ILE A 122 2.85 7.25 21.02
N CYS A 123 2.67 8.12 20.03
CA CYS A 123 3.77 8.72 19.30
C CYS A 123 3.32 10.09 18.83
N ARG A 124 4.05 11.14 19.21
CA ARG A 124 3.77 12.48 18.73
C ARG A 124 4.69 12.90 17.59
N ARG A 125 5.49 11.98 17.05
CA ARG A 125 6.41 12.30 15.96
C ARG A 125 5.73 12.10 14.61
N GLU A 126 6.24 12.80 13.61
CA GLU A 126 5.71 12.73 12.25
C GLU A 126 6.29 11.55 11.49
N LEU A 127 5.57 11.12 10.45
CA LEU A 127 6.09 10.14 9.50
C LEU A 127 5.66 10.57 8.10
N PRO A 128 6.60 10.85 7.20
CA PRO A 128 6.23 11.25 5.85
C PRO A 128 5.61 10.10 5.05
N PHE A 129 4.70 10.46 4.14
CA PHE A 129 4.04 9.45 3.30
C PHE A 129 5.04 8.66 2.46
N THR A 130 6.18 9.28 2.11
CA THR A 130 7.21 8.59 1.35
C THR A 130 7.67 7.32 2.03
N LYS A 131 7.61 7.27 3.37
CA LYS A 131 8.07 6.09 4.09
C LYS A 131 7.02 4.98 4.22
N SER A 132 5.74 5.28 3.96
CA SER A 132 4.70 4.26 4.08
C SER A 132 4.21 3.77 2.73
N ALA A 133 4.97 4.06 1.66
CA ALA A 133 4.49 3.79 0.32
C ALA A 133 4.40 2.31 0.00
N HIS A 134 5.03 1.45 0.80
CA HIS A 134 4.95 0.00 0.63
C HIS A 134 3.79 -0.63 1.39
N LEU A 135 2.96 0.16 2.07
CA LEU A 135 1.85 -0.36 2.86
C LEU A 135 0.54 -0.01 2.18
N THR A 136 -0.28 -1.02 1.92
CA THR A 136 -1.61 -0.86 1.36
C THR A 136 -2.64 -1.37 2.34
N ASN A 137 -3.84 -0.78 2.28
CA ASN A 137 -4.88 -1.04 3.24
C ASN A 137 -5.95 -1.92 2.60
N PRO A 138 -6.10 -3.19 3.02
CA PRO A 138 -7.12 -4.05 2.40
C PRO A 138 -8.54 -3.52 2.52
N TRP A 139 -8.84 -2.72 3.55
CA TRP A 139 -10.18 -2.20 3.70
C TRP A 139 -10.44 -0.93 2.89
N ASN A 140 -9.45 -0.46 2.14
CA ASN A 140 -9.65 0.59 1.15
C ASN A 140 -9.04 0.17 -0.19
N GLU A 141 -9.48 -0.99 -0.69
CA GLU A 141 -9.14 -1.48 -2.03
C GLU A 141 -7.64 -1.66 -2.23
N HIS A 142 -6.91 -1.88 -1.13
CA HIS A 142 -5.45 -2.05 -1.18
C HIS A 142 -4.76 -0.83 -1.78
N LYS A 143 -5.40 0.32 -1.66
CA LYS A 143 -4.74 1.58 -1.94
C LYS A 143 -3.73 1.89 -0.83
N PRO A 144 -2.68 2.65 -1.15
CA PRO A 144 -1.69 2.99 -0.11
C PRO A 144 -2.36 3.58 1.12
N VAL A 145 -1.84 3.21 2.30
CA VAL A 145 -2.56 3.46 3.54
C VAL A 145 -2.74 4.95 3.80
N LYS A 146 -1.87 5.79 3.23
CA LYS A 146 -2.03 7.24 3.32
C LYS A 146 -3.32 7.72 2.70
N ILE A 147 -3.94 6.95 1.81
CA ILE A 147 -5.13 7.39 1.12
C ILE A 147 -6.35 6.85 1.86
N GLY A 148 -7.27 7.74 2.20
CA GLY A 148 -8.50 7.33 2.85
C GLY A 148 -9.27 8.49 3.42
N ARG A 149 -10.59 8.36 3.48
CA ARG A 149 -11.42 9.35 4.13
C ARG A 149 -11.16 9.34 5.63
N ASP A 150 -11.47 10.47 6.27
CA ASP A 150 -11.50 10.53 7.73
C ASP A 150 -12.38 9.41 8.28
N GLY A 151 -11.81 8.62 9.19
CA GLY A 151 -12.52 7.52 9.79
C GLY A 151 -12.30 6.17 9.13
N GLN A 152 -11.55 6.12 8.02
CA GLN A 152 -11.29 4.86 7.34
C GLN A 152 -10.57 3.88 8.26
N GLU A 153 -11.12 2.66 8.38
CA GLU A 153 -10.45 1.68 9.20
C GLU A 153 -9.28 1.09 8.41
N ILE A 154 -8.18 0.87 9.10
CA ILE A 154 -7.00 0.23 8.53
C ILE A 154 -6.90 -1.18 9.09
N GLU A 155 -6.76 -2.17 8.20
CA GLU A 155 -6.67 -3.57 8.61
C GLU A 155 -5.48 -3.79 9.54
N LEU A 156 -5.61 -4.81 10.39
CA LEU A 156 -4.70 -5.06 11.51
C LEU A 156 -3.23 -5.10 11.10
N GLU A 157 -2.89 -5.84 10.06
CA GLU A 157 -1.48 -6.00 9.71
C GLU A 157 -0.90 -4.68 9.17
N CYS A 158 -1.64 -4.05 8.25
CA CYS A 158 -1.22 -2.76 7.72
C CYS A 158 -1.08 -1.73 8.83
N GLY A 159 -2.07 -1.65 9.71
CA GLY A 159 -2.03 -0.65 10.76
C GLY A 159 -0.89 -0.85 11.73
N THR A 160 -0.63 -2.11 12.07
CA THR A 160 0.50 -2.42 12.96
C THR A 160 1.82 -2.01 12.31
N GLN A 161 2.03 -2.41 11.05
CA GLN A 161 3.28 -2.06 10.38
C GLN A 161 3.43 -0.55 10.21
N LEU A 162 2.33 0.16 9.96
CA LEU A 162 2.41 1.61 9.84
C LEU A 162 2.88 2.23 11.15
N CYS A 163 2.27 1.82 12.27
CA CYS A 163 2.67 2.36 13.56
C CYS A 163 4.13 2.06 13.86
N LEU A 164 4.61 0.88 13.47
CA LEU A 164 5.99 0.52 13.72
C LEU A 164 6.97 1.33 12.87
N LEU A 165 6.50 1.98 11.81
CA LEU A 165 7.36 2.82 10.98
C LEU A 165 7.68 4.16 11.66
N PHE A 166 6.82 4.64 12.55
CA PHE A 166 7.05 5.94 13.15
C PHE A 166 8.36 5.91 13.93
N PRO A 167 9.09 7.02 13.96
CA PRO A 167 10.24 7.12 14.85
C PRO A 167 9.79 6.94 16.29
N PRO A 168 10.55 6.21 17.11
CA PRO A 168 10.18 6.07 18.52
C PRO A 168 10.08 7.44 19.17
N ASP A 169 9.10 7.57 20.06
CA ASP A 169 8.84 8.79 20.81
C ASP A 169 9.30 8.53 22.24
N GLU A 170 10.52 8.95 22.56
CA GLU A 170 11.13 8.62 23.84
C GLU A 170 10.57 9.45 24.99
N SER A 171 9.68 10.41 24.72
CA SER A 171 9.00 11.12 25.79
C SER A 171 7.82 10.35 26.37
N ILE A 172 7.40 9.26 25.74
CA ILE A 172 6.20 8.53 26.16
C ILE A 172 6.62 7.22 26.84
N ASP A 173 5.96 6.93 27.95
CA ASP A 173 6.19 5.70 28.71
C ASP A 173 4.93 4.87 28.58
N LEU A 174 5.01 3.75 27.87
CA LEU A 174 3.82 2.95 27.58
C LEU A 174 3.40 2.08 28.75
N TYR A 175 4.22 2.01 29.81
CA TYR A 175 3.78 1.34 31.02
C TYR A 175 2.42 1.87 31.47
N GLN A 176 2.21 3.19 31.33
CA GLN A 176 0.99 3.82 31.76
C GLN A 176 -0.21 3.37 30.94
N VAL A 177 -0.04 3.24 29.63
CA VAL A 177 -1.18 2.89 28.79
C VAL A 177 -1.45 1.40 28.85
N ILE A 178 -0.42 0.59 29.09
CA ILE A 178 -0.64 -0.84 29.26
C ILE A 178 -1.55 -1.11 30.45
N HIS A 179 -1.41 -0.34 31.52
CA HIS A 179 -2.24 -0.53 32.70
C HIS A 179 -3.70 -0.19 32.47
N LYS A 180 -4.05 0.45 31.34
CA LYS A 180 -5.44 0.75 31.05
C LYS A 180 -6.13 -0.35 30.26
N MET A 181 -5.36 -1.26 29.67
CA MET A 181 -5.92 -2.39 28.96
C MET A 181 -6.27 -3.50 29.95
N GLY B 18 19.07 8.67 -18.57
CA GLY B 18 19.64 7.82 -19.61
C GLY B 18 19.11 6.40 -19.57
N THR B 19 19.22 5.69 -20.69
CA THR B 19 18.66 4.35 -20.80
C THR B 19 19.70 3.24 -20.63
N SER B 20 20.96 3.56 -20.31
CA SER B 20 21.99 2.53 -20.30
C SER B 20 21.69 1.45 -19.27
N LYS B 21 21.31 1.86 -18.06
CA LYS B 21 21.00 0.89 -17.01
C LYS B 21 19.84 -0.01 -17.40
N LEU B 22 18.74 0.58 -17.89
CA LEU B 22 17.58 -0.22 -18.24
C LEU B 22 17.92 -1.19 -19.37
N LYS B 23 18.66 -0.72 -20.38
CA LYS B 23 19.00 -1.59 -21.50
C LYS B 23 19.87 -2.73 -21.04
N TYR B 24 20.74 -2.48 -20.07
CA TYR B 24 21.54 -3.55 -19.48
C TYR B 24 20.65 -4.60 -18.81
N VAL B 25 19.63 -4.15 -18.07
CA VAL B 25 18.72 -5.07 -17.38
C VAL B 25 17.95 -5.91 -18.39
N LEU B 26 17.59 -5.34 -19.53
CA LEU B 26 16.76 -6.02 -20.53
C LEU B 26 17.55 -6.78 -21.58
N GLN B 27 18.88 -6.84 -21.46
CA GLN B 27 19.71 -7.32 -22.57
C GLN B 27 19.36 -8.75 -22.97
N ASP B 28 19.25 -9.65 -22.01
CA ASP B 28 18.85 -11.03 -22.33
C ASP B 28 17.58 -11.32 -21.56
N ALA B 29 16.51 -10.62 -21.93
CA ALA B 29 15.28 -10.72 -21.15
C ALA B 29 14.26 -11.53 -21.93
N ARG B 30 13.42 -12.23 -21.19
CA ARG B 30 12.14 -12.67 -21.73
C ARG B 30 11.06 -11.78 -21.11
N PHE B 31 9.95 -11.65 -21.82
CA PHE B 31 8.90 -10.69 -21.52
C PHE B 31 7.55 -11.38 -21.55
N PHE B 32 6.70 -11.11 -20.56
CA PHE B 32 5.38 -11.72 -20.52
C PHE B 32 4.34 -10.65 -20.20
N LEU B 33 3.27 -10.62 -20.98
CA LEU B 33 2.11 -9.79 -20.65
C LEU B 33 1.34 -10.40 -19.50
N ILE B 34 0.99 -9.58 -18.50
CA ILE B 34 0.21 -10.02 -17.36
C ILE B 34 -1.10 -9.24 -17.36
N LYS B 35 -2.23 -9.94 -17.45
CA LYS B 35 -3.54 -9.29 -17.38
C LYS B 35 -4.14 -9.51 -16.00
N SER B 36 -4.55 -8.42 -15.36
CA SER B 36 -5.22 -8.46 -14.07
C SER B 36 -6.68 -8.06 -14.24
N ASN B 37 -7.56 -8.69 -13.49
CA ASN B 37 -8.96 -8.33 -13.62
C ASN B 37 -9.34 -7.10 -12.81
N ASN B 38 -8.47 -6.60 -11.91
CA ASN B 38 -8.83 -5.39 -11.17
C ASN B 38 -7.57 -4.64 -10.76
N HIS B 39 -7.77 -3.36 -10.42
CA HIS B 39 -6.64 -2.55 -9.99
C HIS B 39 -6.12 -2.97 -8.62
N GLU B 40 -6.99 -3.55 -7.79
CA GLU B 40 -6.61 -3.79 -6.39
C GLU B 40 -5.43 -4.74 -6.29
N ASN B 41 -5.45 -5.82 -7.06
CA ASN B 41 -4.36 -6.78 -7.00
C ASN B 41 -3.07 -6.20 -7.56
N VAL B 42 -3.15 -5.32 -8.57
CA VAL B 42 -1.95 -4.66 -9.05
C VAL B 42 -1.41 -3.72 -8.00
N SER B 43 -2.30 -3.03 -7.29
CA SER B 43 -1.84 -2.13 -6.24
C SER B 43 -1.15 -2.90 -5.12
N LEU B 44 -1.71 -4.04 -4.71
CA LEU B 44 -1.06 -4.87 -3.72
C LEU B 44 0.29 -5.36 -4.22
N ALA B 45 0.34 -5.81 -5.48
CA ALA B 45 1.57 -6.34 -6.06
C ALA B 45 2.65 -5.28 -6.13
N LYS B 46 2.25 -4.02 -6.41
CA LYS B 46 3.21 -2.93 -6.55
C LYS B 46 3.86 -2.59 -5.21
N ALA B 47 3.08 -2.66 -4.14
CA ALA B 47 3.60 -2.29 -2.83
C ALA B 47 4.45 -3.39 -2.22
N LYS B 48 4.04 -4.65 -2.42
CA LYS B 48 4.65 -5.79 -1.75
C LYS B 48 5.70 -6.50 -2.61
N GLY B 49 5.70 -6.29 -3.92
CA GLY B 49 6.68 -6.94 -4.78
C GLY B 49 6.42 -8.42 -4.95
N VAL B 50 5.17 -8.79 -5.24
CA VAL B 50 4.77 -10.19 -5.39
C VAL B 50 3.77 -10.31 -6.52
N TRP B 51 3.71 -11.50 -7.12
CA TRP B 51 2.67 -11.86 -8.09
C TRP B 51 2.39 -13.35 -7.97
N SER B 52 1.14 -13.71 -8.26
CA SER B 52 0.70 -15.10 -8.38
C SER B 52 -0.17 -15.23 -9.62
N THR B 53 -0.08 -16.37 -10.30
CA THR B 53 -0.86 -16.57 -11.51
C THR B 53 -1.37 -18.01 -11.55
N LEU B 54 -2.09 -18.35 -12.61
CA LEU B 54 -2.63 -19.69 -12.74
C LEU B 54 -1.53 -20.68 -13.11
N PRO B 55 -1.76 -21.99 -12.88
CA PRO B 55 -0.65 -22.96 -13.02
C PRO B 55 0.01 -22.98 -14.38
N VAL B 56 -0.74 -22.80 -15.47
CA VAL B 56 -0.14 -22.83 -16.80
C VAL B 56 0.92 -21.76 -16.93
N ASN B 57 0.57 -20.53 -16.53
CA ASN B 57 1.52 -19.44 -16.59
C ASN B 57 2.59 -19.54 -15.51
N GLU B 58 2.26 -20.13 -14.36
CA GLU B 58 3.29 -20.31 -13.33
C GLU B 58 4.42 -21.20 -13.86
N LYS B 59 4.06 -22.27 -14.58
CA LYS B 59 5.07 -23.16 -15.13
C LYS B 59 5.92 -22.43 -16.17
N LYS B 60 5.27 -21.67 -17.05
CA LYS B 60 6.00 -20.90 -18.06
C LYS B 60 6.99 -19.93 -17.43
N LEU B 61 6.55 -19.21 -16.39
CA LEU B 61 7.43 -18.21 -15.77
C LEU B 61 8.60 -18.88 -15.05
N ASN B 62 8.36 -20.02 -14.39
CA ASN B 62 9.47 -20.70 -13.71
C ASN B 62 10.51 -21.18 -14.72
N LEU B 63 10.06 -21.78 -15.82
CA LEU B 63 11.00 -22.18 -16.87
C LEU B 63 11.75 -20.98 -17.42
N ALA B 64 11.04 -19.89 -17.64
CA ALA B 64 11.70 -18.70 -18.16
C ALA B 64 12.73 -18.16 -17.19
N PHE B 65 12.42 -18.21 -15.89
CA PHE B 65 13.33 -17.67 -14.88
C PHE B 65 14.67 -18.38 -14.92
N ARG B 66 14.67 -19.70 -15.11
CA ARG B 66 15.92 -20.44 -15.15
C ARG B 66 16.62 -20.37 -16.50
N SER B 67 15.95 -19.83 -17.53
CA SER B 67 16.51 -19.84 -18.88
C SER B 67 17.02 -18.49 -19.34
N ALA B 68 16.64 -17.40 -18.67
CA ALA B 68 16.92 -16.07 -19.17
C ALA B 68 17.52 -15.21 -18.07
N ARG B 69 18.34 -14.25 -18.49
CA ARG B 69 19.05 -13.38 -17.56
C ARG B 69 18.07 -12.56 -16.72
N SER B 70 16.97 -12.11 -17.34
CA SER B 70 15.90 -11.38 -16.68
C SER B 70 14.57 -11.88 -17.24
N VAL B 71 13.55 -11.99 -16.40
CA VAL B 71 12.18 -12.24 -16.86
C VAL B 71 11.35 -11.04 -16.44
N ILE B 72 10.73 -10.38 -17.42
CA ILE B 72 9.99 -9.14 -17.22
C ILE B 72 8.51 -9.43 -17.34
N LEU B 73 7.74 -8.97 -16.35
CA LEU B 73 6.29 -9.01 -16.39
C LEU B 73 5.78 -7.60 -16.67
N ILE B 74 4.98 -7.44 -17.72
CA ILE B 74 4.39 -6.16 -18.09
C ILE B 74 2.89 -6.21 -17.83
N PHE B 75 2.40 -5.33 -16.95
CA PHE B 75 1.07 -5.47 -16.39
C PHE B 75 0.05 -4.62 -17.13
N SER B 76 -1.14 -5.18 -17.34
CA SER B 76 -2.27 -4.42 -17.88
C SER B 76 -3.56 -4.88 -17.20
N VAL B 77 -4.28 -3.93 -16.62
CA VAL B 77 -5.57 -4.21 -16.02
C VAL B 77 -6.61 -4.25 -17.13
N ARG B 78 -7.39 -5.32 -17.16
CA ARG B 78 -8.39 -5.50 -18.22
C ARG B 78 -9.30 -4.28 -18.30
N GLU B 79 -9.54 -3.84 -19.54
CA GLU B 79 -10.42 -2.74 -19.89
C GLU B 79 -9.90 -1.38 -19.47
N SER B 80 -8.65 -1.29 -18.99
CA SER B 80 -8.14 0.01 -18.57
C SER B 80 -7.58 0.84 -19.72
N GLY B 81 -7.31 0.23 -20.87
CA GLY B 81 -6.64 0.93 -21.96
C GLY B 81 -5.20 1.29 -21.71
N LYS B 82 -4.57 0.73 -20.68
CA LYS B 82 -3.20 1.10 -20.33
C LYS B 82 -2.44 -0.11 -19.82
N PHE B 83 -1.11 0.00 -19.85
CA PHE B 83 -0.26 -0.80 -18.99
C PHE B 83 -0.04 -0.03 -17.70
N GLN B 84 0.15 -0.76 -16.61
CA GLN B 84 0.32 -0.12 -15.31
C GLN B 84 1.75 -0.16 -14.81
N GLY B 85 2.66 -0.83 -15.51
CA GLY B 85 4.03 -0.89 -15.07
C GLY B 85 4.67 -2.20 -15.49
N PHE B 86 5.93 -2.38 -15.10
CA PHE B 86 6.59 -3.65 -15.37
C PHE B 86 7.63 -3.95 -14.32
N ALA B 87 7.90 -5.25 -14.15
CA ALA B 87 8.68 -5.75 -13.03
C ALA B 87 9.50 -6.95 -13.50
N ARG B 88 10.56 -7.22 -12.76
CA ARG B 88 11.46 -8.34 -13.04
C ARG B 88 11.31 -9.40 -11.97
N LEU B 89 11.17 -10.66 -12.37
CA LEU B 89 11.19 -11.77 -11.39
C LEU B 89 12.53 -11.79 -10.67
N SER B 90 12.49 -11.83 -9.34
CA SER B 90 13.70 -12.11 -8.57
C SER B 90 13.74 -13.54 -8.06
N SER B 91 12.65 -14.28 -8.20
CA SER B 91 12.54 -15.65 -7.69
C SER B 91 11.61 -16.45 -8.58
N GLU B 92 11.84 -17.77 -8.60
CA GLU B 92 10.81 -18.71 -9.00
C GLU B 92 9.63 -18.62 -8.04
N SER B 93 8.50 -19.20 -8.42
CA SER B 93 7.37 -19.25 -7.52
C SER B 93 7.74 -20.11 -6.31
N HIS B 94 7.14 -19.79 -5.18
CA HIS B 94 7.35 -20.59 -3.98
C HIS B 94 6.05 -20.67 -3.18
N HIS B 95 5.83 -21.81 -2.55
CA HIS B 95 4.59 -22.06 -1.82
C HIS B 95 4.84 -21.99 -0.33
N GLY B 96 3.76 -21.91 0.43
CA GLY B 96 3.84 -21.97 1.87
C GLY B 96 4.34 -20.72 2.56
N GLY B 97 4.46 -19.61 1.86
CA GLY B 97 4.81 -18.35 2.48
C GLY B 97 3.62 -17.74 3.19
N SER B 98 3.83 -16.53 3.70
CA SER B 98 2.74 -15.79 4.33
C SER B 98 1.65 -15.55 3.28
N PRO B 99 0.42 -16.00 3.52
CA PRO B 99 -0.61 -15.90 2.46
C PRO B 99 -0.91 -14.45 2.11
N ILE B 100 -0.96 -14.17 0.81
CA ILE B 100 -1.30 -12.85 0.31
C ILE B 100 -2.80 -12.79 0.09
N HIS B 101 -3.46 -11.80 0.71
CA HIS B 101 -4.91 -11.70 0.60
C HIS B 101 -5.26 -10.98 -0.71
N TRP B 102 -4.94 -11.64 -1.82
CA TRP B 102 -5.42 -11.19 -3.11
C TRP B 102 -6.93 -11.04 -3.06
N VAL B 103 -7.44 -10.07 -3.81
CA VAL B 103 -8.89 -10.01 -4.01
C VAL B 103 -9.17 -11.06 -5.07
N LEU B 104 -9.49 -12.27 -4.61
CA LEU B 104 -9.66 -13.40 -5.51
C LEU B 104 -10.99 -13.29 -6.24
N PRO B 105 -10.99 -13.39 -7.58
CA PRO B 105 -12.26 -13.35 -8.31
C PRO B 105 -13.06 -14.64 -8.13
N ALA B 106 -14.34 -14.55 -8.50
CA ALA B 106 -15.33 -15.61 -8.24
C ALA B 106 -14.76 -17.00 -8.49
N GLY B 107 -14.86 -17.86 -7.49
CA GLY B 107 -14.30 -19.21 -7.57
C GLY B 107 -12.80 -19.23 -7.76
N LYS B 111 -7.27 -20.13 -3.89
CA LYS B 111 -5.91 -20.68 -3.90
C LYS B 111 -5.73 -21.67 -5.04
N MET B 112 -6.64 -21.63 -6.02
CA MET B 112 -6.35 -22.18 -7.33
C MET B 112 -5.13 -21.52 -7.95
N LEU B 113 -4.66 -20.43 -7.36
CA LEU B 113 -3.39 -19.82 -7.67
C LEU B 113 -2.26 -20.73 -7.22
N GLY B 114 -1.07 -20.49 -7.75
CA GLY B 114 0.07 -21.29 -7.37
C GLY B 114 0.88 -20.66 -6.27
N GLY B 115 2.19 -20.72 -6.43
CA GLY B 115 3.08 -20.09 -5.49
C GLY B 115 3.17 -18.61 -5.74
N VAL B 116 4.05 -17.97 -4.99
CA VAL B 116 4.25 -16.54 -5.06
C VAL B 116 5.60 -16.26 -5.71
N PHE B 117 5.61 -15.45 -6.75
CA PHE B 117 6.84 -14.93 -7.33
C PHE B 117 7.22 -13.65 -6.60
N LYS B 118 8.47 -13.54 -6.20
CA LYS B 118 8.96 -12.24 -5.75
C LYS B 118 9.36 -11.45 -6.99
N ILE B 119 8.92 -10.17 -7.05
CA ILE B 119 9.23 -9.32 -8.19
C ILE B 119 9.78 -7.98 -7.70
N ASP B 120 10.69 -7.42 -8.50
CA ASP B 120 11.23 -6.08 -8.32
C ASP B 120 10.67 -5.18 -9.42
N TRP B 121 9.89 -4.16 -9.03
CA TRP B 121 9.32 -3.27 -10.03
C TRP B 121 10.39 -2.36 -10.61
N ILE B 122 10.31 -2.14 -11.93
CA ILE B 122 11.25 -1.28 -12.65
C ILE B 122 10.52 0.02 -12.97
N CYS B 123 9.23 -0.09 -13.24
CA CYS B 123 8.41 1.09 -13.49
C CYS B 123 7.01 0.82 -12.96
N ARG B 124 6.47 1.76 -12.20
CA ARG B 124 5.12 1.62 -11.66
C ARG B 124 4.19 2.70 -12.21
N ARG B 125 4.63 3.46 -13.21
CA ARG B 125 3.82 4.47 -13.87
C ARG B 125 3.13 3.90 -15.09
N GLU B 126 2.04 4.55 -15.48
CA GLU B 126 1.20 4.04 -16.54
C GLU B 126 1.75 4.36 -17.92
N LEU B 127 1.40 3.51 -18.88
CA LEU B 127 1.68 3.75 -20.29
C LEU B 127 0.40 3.51 -21.06
N PRO B 128 -0.22 4.54 -21.64
CA PRO B 128 -1.45 4.33 -22.40
C PRO B 128 -1.18 3.53 -23.66
N PHE B 129 -2.16 2.71 -24.05
CA PHE B 129 -2.06 1.93 -25.28
C PHE B 129 -1.82 2.83 -26.50
N THR B 130 -2.29 4.08 -26.44
CA THR B 130 -2.05 5.02 -27.54
C THR B 130 -0.57 5.28 -27.77
N LYS B 131 0.29 5.03 -26.78
CA LYS B 131 1.72 5.26 -26.96
C LYS B 131 2.47 4.03 -27.43
N SER B 132 1.82 2.86 -27.50
CA SER B 132 2.48 1.66 -27.98
C SER B 132 1.83 1.13 -29.26
N ALA B 133 1.05 1.97 -29.94
CA ALA B 133 0.30 1.54 -31.12
C ALA B 133 1.18 1.14 -32.29
N HIS B 134 2.43 1.58 -32.34
CA HIS B 134 3.33 1.25 -33.43
C HIS B 134 4.03 -0.07 -33.23
N LEU B 135 3.88 -0.71 -32.06
CA LEU B 135 4.62 -1.90 -31.72
C LEU B 135 3.74 -3.13 -31.89
N THR B 136 4.24 -4.11 -32.63
CA THR B 136 3.53 -5.36 -32.84
C THR B 136 4.42 -6.51 -32.38
N ASN B 137 3.78 -7.58 -31.89
CA ASN B 137 4.49 -8.70 -31.30
C ASN B 137 4.58 -9.83 -32.31
N PRO B 138 5.77 -10.14 -32.84
CA PRO B 138 5.88 -11.23 -33.82
C PRO B 138 5.41 -12.56 -33.30
N TRP B 139 5.50 -12.79 -31.99
CA TRP B 139 5.11 -14.06 -31.39
C TRP B 139 3.62 -14.12 -31.08
N ASN B 140 2.86 -13.09 -31.46
CA ASN B 140 1.40 -13.11 -31.42
C ASN B 140 0.85 -12.62 -32.76
N GLU B 141 1.36 -13.21 -33.85
CA GLU B 141 0.86 -12.98 -35.21
C GLU B 141 1.02 -11.52 -35.63
N HIS B 142 1.99 -10.82 -35.03
CA HIS B 142 2.32 -9.44 -35.37
C HIS B 142 1.13 -8.50 -35.13
N LYS B 143 0.31 -8.85 -34.12
CA LYS B 143 -0.76 -7.98 -33.60
C LYS B 143 -0.16 -6.94 -32.67
N PRO B 144 -0.80 -5.77 -32.54
CA PRO B 144 -0.29 -4.76 -31.61
C PRO B 144 -0.02 -5.37 -30.23
N VAL B 145 1.07 -4.93 -29.59
CA VAL B 145 1.54 -5.60 -28.38
C VAL B 145 0.52 -5.51 -27.25
N LYS B 146 -0.37 -4.51 -27.27
CA LYS B 146 -1.43 -4.43 -26.28
C LYS B 146 -2.35 -5.64 -26.32
N ILE B 147 -2.40 -6.37 -27.44
CA ILE B 147 -3.30 -7.50 -27.58
C ILE B 147 -2.61 -8.75 -27.06
N GLY B 148 -3.28 -9.45 -26.15
CA GLY B 148 -2.78 -10.74 -25.72
C GLY B 148 -3.51 -11.32 -24.53
N ARG B 149 -3.48 -12.63 -24.37
CA ARG B 149 -4.03 -13.27 -23.18
C ARG B 149 -3.05 -13.12 -22.04
N ASP B 150 -3.54 -13.32 -20.81
CA ASP B 150 -2.67 -13.34 -19.65
C ASP B 150 -1.55 -14.37 -19.89
N GLY B 151 -0.30 -13.92 -19.72
CA GLY B 151 0.86 -14.76 -19.93
C GLY B 151 1.42 -14.81 -21.33
N GLN B 152 0.84 -14.07 -22.29
CA GLN B 152 1.38 -14.05 -23.65
C GLN B 152 2.84 -13.60 -23.65
N GLU B 153 3.72 -14.40 -24.24
CA GLU B 153 5.11 -14.01 -24.30
C GLU B 153 5.31 -12.97 -25.39
N ILE B 154 6.20 -12.02 -25.13
CA ILE B 154 6.50 -10.94 -26.08
C ILE B 154 7.93 -11.10 -26.55
N GLU B 155 8.12 -11.11 -27.87
CA GLU B 155 9.44 -11.27 -28.48
C GLU B 155 10.40 -10.18 -27.99
N LEU B 156 11.70 -10.51 -27.96
CA LEU B 156 12.70 -9.73 -27.24
C LEU B 156 12.73 -8.26 -27.66
N GLU B 157 12.83 -7.98 -28.97
CA GLU B 157 12.95 -6.60 -29.40
C GLU B 157 11.66 -5.82 -29.15
N CYS B 158 10.51 -6.43 -29.42
CA CYS B 158 9.24 -5.77 -29.13
C CYS B 158 9.09 -5.47 -27.64
N GLY B 159 9.38 -6.45 -26.78
CA GLY B 159 9.32 -6.21 -25.35
C GLY B 159 10.30 -5.15 -24.87
N THR B 160 11.52 -5.18 -25.41
CA THR B 160 12.51 -4.16 -25.06
C THR B 160 12.01 -2.76 -25.41
N GLN B 161 11.48 -2.58 -26.63
CA GLN B 161 11.01 -1.24 -27.00
C GLN B 161 9.78 -0.84 -26.20
N LEU B 162 8.89 -1.80 -25.91
CA LEU B 162 7.72 -1.51 -25.08
C LEU B 162 8.15 -0.95 -23.72
N CYS B 163 9.12 -1.61 -23.08
CA CYS B 163 9.59 -1.15 -21.78
C CYS B 163 10.26 0.21 -21.85
N LEU B 164 10.93 0.48 -22.96
CA LEU B 164 11.62 1.75 -23.12
C LEU B 164 10.64 2.90 -23.26
N LEU B 165 9.38 2.61 -23.60
CA LEU B 165 8.38 3.66 -23.76
C LEU B 165 7.91 4.23 -22.43
N PHE B 166 8.03 3.47 -21.33
CA PHE B 166 7.50 3.93 -20.05
C PHE B 166 8.30 5.12 -19.55
N PRO B 167 7.65 6.05 -18.84
CA PRO B 167 8.37 7.21 -18.32
C PRO B 167 9.27 6.80 -17.18
N PRO B 168 10.28 7.61 -16.86
CA PRO B 168 11.14 7.28 -15.72
C PRO B 168 10.33 7.35 -14.43
N ASP B 169 10.66 6.45 -13.49
CA ASP B 169 9.92 6.36 -12.24
C ASP B 169 10.85 6.76 -11.11
N GLU B 170 10.58 7.92 -10.50
CA GLU B 170 11.48 8.45 -9.48
C GLU B 170 11.36 7.71 -8.15
N SER B 171 10.39 6.82 -8.00
CA SER B 171 10.31 6.01 -6.80
C SER B 171 11.16 4.75 -6.91
N ILE B 172 11.75 4.47 -8.08
CA ILE B 172 12.47 3.22 -8.32
C ILE B 172 13.96 3.48 -8.44
N ASP B 173 14.76 2.62 -7.80
CA ASP B 173 16.21 2.62 -7.92
C ASP B 173 16.63 1.29 -8.53
N LEU B 174 17.20 1.32 -9.74
CA LEU B 174 17.59 0.09 -10.44
C LEU B 174 18.79 -0.59 -9.81
N TYR B 175 19.41 0.02 -8.81
CA TYR B 175 20.62 -0.52 -8.19
C TYR B 175 20.42 -1.95 -7.67
N GLN B 176 19.30 -2.20 -6.97
CA GLN B 176 19.08 -3.52 -6.39
C GLN B 176 18.92 -4.59 -7.46
N VAL B 177 18.21 -4.29 -8.55
CA VAL B 177 18.06 -5.28 -9.62
C VAL B 177 19.41 -5.56 -10.26
N ILE B 178 20.15 -4.50 -10.61
CA ILE B 178 21.44 -4.68 -11.27
C ILE B 178 22.36 -5.57 -10.43
N HIS B 179 22.28 -5.47 -9.11
CA HIS B 179 23.19 -6.22 -8.26
C HIS B 179 22.84 -7.70 -8.19
N LYS B 180 21.56 -8.06 -8.22
CA LYS B 180 21.19 -9.47 -8.16
C LYS B 180 21.20 -10.16 -9.52
N MET B 181 21.62 -9.47 -10.58
CA MET B 181 21.83 -10.14 -11.85
C MET B 181 23.23 -10.73 -11.92
C10 M4T C . -14.30 15.91 12.35
C01 M4T C . -11.54 17.88 15.92
C02 M4T C . -12.05 17.88 14.48
C05 M4T C . -13.87 17.13 12.86
C06 M4T C . -14.01 18.27 12.08
C07 M4T C . -14.57 18.15 10.81
C08 M4T C . -14.98 16.89 10.38
N04 M4T C . -13.29 17.18 14.19
N09 M4T C . -14.83 15.83 11.15
O03 M4T C . -11.45 18.44 13.63
S SO4 D . 10.54 -1.84 25.67
O1 SO4 D . 10.64 -2.54 26.94
O2 SO4 D . 9.14 -1.55 25.37
O3 SO4 D . 11.24 -0.54 25.70
O4 SO4 D . 11.11 -2.67 24.60
S SO4 E . -14.48 1.11 6.49
O1 SO4 E . -15.58 0.41 7.19
O2 SO4 E . -15.04 2.01 5.49
O3 SO4 E . -13.69 1.88 7.45
O4 SO4 E . -13.66 0.13 5.80
S SO4 F . -22.63 11.33 27.66
O1 SO4 F . -24.01 11.02 28.07
O2 SO4 F . -22.46 12.79 27.56
O3 SO4 F . -21.71 10.80 28.66
O4 SO4 F . -22.37 10.75 26.35
S SO4 G . -15.92 26.72 31.01
O1 SO4 G . -16.19 25.82 32.14
O2 SO4 G . -16.16 28.10 31.43
O3 SO4 G . -14.51 26.59 30.64
O4 SO4 G . -16.78 26.39 29.89
S SO4 H . -13.59 13.18 4.23
O1 SO4 H . -14.60 12.60 5.13
O2 SO4 H . -13.84 14.62 4.15
O3 SO4 H . -12.24 12.93 4.77
O4 SO4 H . -13.73 12.59 2.90
C10 M4T I . -3.88 -14.85 -12.17
C01 M4T I . -2.86 -11.94 -8.29
C02 M4T I . -3.88 -12.38 -9.34
C05 M4T I . -4.47 -14.17 -11.10
C06 M4T I . -5.86 -14.06 -11.05
C07 M4T I . -6.61 -14.64 -12.06
C08 M4T I . -5.95 -15.29 -13.09
N04 M4T I . -3.61 -13.60 -10.07
N09 M4T I . -4.63 -15.37 -13.12
O03 M4T I . -4.85 -11.73 -9.54
S SO4 J . 1.43 7.59 -13.03
O1 SO4 J . 0.95 6.36 -13.60
O2 SO4 J . 0.31 8.48 -12.78
O3 SO4 J . 2.10 7.33 -11.75
O4 SO4 J . 2.36 8.24 -13.95
S SO4 K . 8.48 -24.36 -3.46
O1 SO4 K . 9.27 -23.61 -2.49
O2 SO4 K . 7.09 -24.40 -3.03
O3 SO4 K . 9.01 -25.73 -3.56
O4 SO4 K . 8.56 -23.74 -4.79
#